data_1UWW
#
_entry.id   1UWW
#
_cell.length_a   63.866
_cell.length_b   65.926
_cell.length_c   103.633
_cell.angle_alpha   90.00
_cell.angle_beta   90.00
_cell.angle_gamma   90.00
#
_symmetry.space_group_name_H-M   'P 21 21 21'
#
loop_
_entity.id
_entity.type
_entity.pdbx_description
1 polymer ENDOGLUCANASE
2 non-polymer 'CALCIUM ION'
3 water water
#
_entity_poly.entity_id   1
_entity_poly.type   'polypeptide(L)'
_entity_poly.pdbx_seq_one_letter_code
;GTEVEIPVVHDPKGEAVLPSVFEDGTRQGWDWAGESGVKTALTIEEANGSNALSWEFGYPEVKPSDNWATAPRLDFWKSD
LVRGENDYVTFDFYLDPVRATEGA(MSE)NINLVFQPPTNGYWVQAPKTYTINFDELEEANQVNGLYHYEVKINVRDITN
IQDDTLLRN(MSE)(MSE)IIFADVESDFAGRVFVDNVRFEGA
;
_entity_poly.pdbx_strand_id   A,B
#
# COMPACT_ATOMS: atom_id res chain seq x y z
N VAL A 8 19.61 -13.22 -20.55
CA VAL A 8 18.79 -14.13 -19.70
C VAL A 8 17.72 -14.82 -20.54
N VAL A 9 17.53 -16.11 -20.28
CA VAL A 9 16.58 -16.96 -21.00
C VAL A 9 15.36 -17.33 -20.13
N HIS A 10 14.21 -16.88 -20.59
CA HIS A 10 12.95 -17.22 -19.95
C HIS A 10 12.35 -18.43 -20.62
N ASP A 11 11.41 -19.07 -19.95
CA ASP A 11 10.53 -20.01 -20.62
C ASP A 11 9.68 -19.28 -21.70
N PRO A 12 9.09 -20.02 -22.63
CA PRO A 12 8.33 -19.39 -23.72
C PRO A 12 7.24 -18.43 -23.21
N LYS A 13 7.11 -17.24 -23.80
CA LYS A 13 6.14 -16.24 -23.35
C LYS A 13 4.70 -16.71 -23.57
N GLY A 14 4.43 -17.34 -24.69
CA GLY A 14 3.08 -17.77 -25.02
C GLY A 14 2.16 -16.61 -25.31
N GLU A 15 0.87 -16.91 -25.33
CA GLU A 15 -0.16 -15.92 -25.60
C GLU A 15 -0.86 -15.56 -24.30
N ALA A 16 -1.30 -14.31 -24.21
CA ALA A 16 -1.94 -13.81 -23.01
C ALA A 16 -3.28 -14.49 -22.80
N VAL A 17 -3.38 -15.18 -21.67
CA VAL A 17 -4.57 -15.95 -21.29
C VAL A 17 -4.89 -15.62 -19.84
N LEU A 18 -6.13 -15.29 -19.56
CA LEU A 18 -6.58 -14.97 -18.21
C LEU A 18 -7.93 -15.68 -18.02
N PRO A 19 -8.17 -16.51 -16.98
CA PRO A 19 -7.20 -16.86 -15.91
C PRO A 19 -5.91 -17.52 -16.37
N SER A 20 -4.81 -17.17 -15.71
CA SER A 20 -3.49 -17.68 -16.04
C SER A 20 -3.15 -18.85 -15.10
N VAL A 21 -3.08 -20.05 -15.66
CA VAL A 21 -2.84 -21.27 -14.92
C VAL A 21 -1.47 -21.93 -15.21
N PHE A 22 -0.79 -21.53 -16.25
CA PHE A 22 0.60 -21.96 -16.52
C PHE A 22 0.74 -23.45 -16.71
N GLU A 23 -0.24 -24.07 -17.38
CA GLU A 23 -0.24 -25.51 -17.59
C GLU A 23 0.13 -25.94 -19.01
N ASP A 24 0.54 -25.01 -19.86
CA ASP A 24 0.88 -25.30 -21.26
C ASP A 24 2.36 -25.11 -21.56
N GLY A 25 3.20 -25.10 -20.52
CA GLY A 25 4.63 -24.88 -20.69
C GLY A 25 5.05 -23.47 -21.04
N THR A 26 4.11 -22.50 -20.97
CA THR A 26 4.41 -21.10 -21.25
C THR A 26 4.02 -20.18 -20.11
N ARG A 27 4.48 -18.94 -20.22
CA ARG A 27 4.19 -17.85 -19.29
C ARG A 27 2.83 -17.21 -19.55
N GLN A 28 2.07 -17.71 -20.52
CA GLN A 28 0.74 -17.20 -20.83
C GLN A 28 0.67 -15.66 -20.90
N GLY A 29 1.67 -15.07 -21.53
CA GLY A 29 1.71 -13.64 -21.78
C GLY A 29 2.34 -12.78 -20.71
N TRP A 30 2.75 -13.37 -19.60
CA TRP A 30 3.39 -12.64 -18.49
C TRP A 30 4.86 -12.38 -18.77
N ASP A 31 5.34 -11.21 -18.42
CA ASP A 31 6.71 -10.81 -18.65
C ASP A 31 7.10 -9.78 -17.60
N TRP A 32 8.35 -9.36 -17.62
CA TRP A 32 8.80 -8.26 -16.77
C TRP A 32 8.36 -6.93 -17.35
N ALA A 33 7.85 -6.03 -16.50
CA ALA A 33 7.69 -4.63 -16.89
C ALA A 33 9.07 -4.03 -17.15
N GLY A 34 9.16 -3.05 -18.06
CA GLY A 34 10.42 -2.37 -18.33
C GLY A 34 11.04 -1.74 -17.08
N GLU A 35 10.20 -1.26 -16.16
CA GLU A 35 10.70 -0.68 -14.91
C GLU A 35 10.98 -1.69 -13.78
N SER A 36 10.86 -2.99 -14.03
CA SER A 36 11.12 -3.97 -12.98
C SER A 36 12.54 -3.89 -12.45
N GLY A 37 12.70 -3.99 -11.14
CA GLY A 37 14.03 -4.02 -10.54
C GLY A 37 14.70 -5.40 -10.58
N VAL A 38 13.95 -6.41 -11.00
CA VAL A 38 14.44 -7.76 -11.13
C VAL A 38 14.05 -8.23 -12.52
N LYS A 39 15.02 -8.75 -13.26
CA LYS A 39 14.77 -9.23 -14.61
C LYS A 39 15.38 -10.62 -14.83
N THR A 40 15.45 -11.39 -13.73
CA THR A 40 15.95 -12.77 -13.69
C THR A 40 15.04 -13.72 -14.49
N ALA A 41 15.52 -14.93 -14.79
CA ALA A 41 14.75 -15.91 -15.55
C ALA A 41 13.36 -16.17 -14.94
N LEU A 42 12.35 -16.04 -15.78
CA LEU A 42 10.96 -16.37 -15.47
C LEU A 42 10.69 -17.73 -16.09
N THR A 43 10.48 -18.72 -15.26
CA THR A 43 10.23 -20.09 -15.72
C THR A 43 8.97 -20.67 -15.10
N ILE A 44 8.53 -21.79 -15.62
CA ILE A 44 7.38 -22.47 -15.07
C ILE A 44 7.87 -23.60 -14.17
N GLU A 45 7.48 -23.59 -12.91
CA GLU A 45 7.96 -24.54 -11.90
C GLU A 45 6.78 -25.07 -11.07
N GLU A 46 6.92 -26.26 -10.50
CA GLU A 46 5.89 -26.88 -9.68
C GLU A 46 5.80 -26.22 -8.31
N ALA A 47 4.59 -25.88 -7.89
CA ALA A 47 4.33 -25.41 -6.53
C ALA A 47 2.98 -25.94 -6.11
N ASN A 48 2.94 -26.67 -4.99
CA ASN A 48 1.67 -27.09 -4.39
C ASN A 48 0.83 -27.96 -5.33
N GLY A 49 1.50 -28.74 -6.16
CA GLY A 49 0.85 -29.67 -7.07
C GLY A 49 0.27 -29.06 -8.31
N SER A 50 0.81 -27.91 -8.70
CA SER A 50 0.42 -27.29 -9.95
C SER A 50 1.60 -26.51 -10.49
N ASN A 51 1.60 -26.25 -11.78
CA ASN A 51 2.66 -25.45 -12.37
C ASN A 51 2.37 -23.96 -12.20
N ALA A 52 3.43 -23.19 -11.98
CA ALA A 52 3.33 -21.80 -11.58
C ALA A 52 4.43 -20.98 -12.26
N LEU A 53 4.17 -19.70 -12.50
CA LEU A 53 5.17 -18.74 -12.97
C LEU A 53 6.16 -18.49 -11.81
N SER A 54 7.46 -18.54 -12.05
CA SER A 54 8.46 -18.51 -10.97
C SER A 54 9.72 -17.74 -11.33
N TRP A 55 10.30 -17.12 -10.32
CA TRP A 55 11.63 -16.49 -10.44
C TRP A 55 12.27 -16.55 -9.06
N GLU A 56 13.58 -16.31 -9.00
CA GLU A 56 14.28 -16.19 -7.75
C GLU A 56 15.10 -14.92 -7.71
N PHE A 57 15.24 -14.38 -6.52
CA PHE A 57 15.92 -13.11 -6.32
C PHE A 57 16.09 -12.89 -4.83
N GLY A 58 16.89 -11.88 -4.49
CA GLY A 58 16.91 -11.35 -3.15
C GLY A 58 17.00 -9.84 -3.19
N TYR A 59 16.35 -9.18 -2.25
CA TYR A 59 16.50 -7.74 -2.12
C TYR A 59 17.89 -7.35 -1.59
N PRO A 60 18.37 -6.17 -1.97
CA PRO A 60 19.66 -5.68 -1.48
C PRO A 60 19.54 -5.22 -0.05
N GLU A 61 20.66 -5.24 0.68
CA GLU A 61 20.70 -4.70 2.04
C GLU A 61 20.65 -3.18 2.05
N VAL A 62 21.30 -2.56 1.08
CA VAL A 62 21.20 -1.11 0.92
C VAL A 62 19.89 -0.80 0.20
N LYS A 63 19.00 -0.08 0.88
CA LYS A 63 17.64 0.20 0.40
C LYS A 63 17.60 1.56 -0.31
N PRO A 64 17.33 1.61 -1.62
CA PRO A 64 17.05 2.90 -2.27
C PRO A 64 15.87 3.66 -1.66
N SER A 65 15.91 4.98 -1.69
CA SER A 65 14.80 5.76 -1.14
C SER A 65 13.54 5.61 -1.98
N ASP A 66 13.70 5.38 -3.29
CA ASP A 66 12.58 4.94 -4.14
C ASP A 66 12.25 3.50 -3.74
N ASN A 67 11.16 3.33 -3.00
CA ASN A 67 10.77 2.04 -2.46
C ASN A 67 10.35 0.97 -3.49
N TRP A 68 10.20 1.36 -4.76
CA TRP A 68 9.89 0.43 -5.84
C TRP A 68 11.07 0.16 -6.78
N ALA A 69 12.22 0.81 -6.57
CA ALA A 69 13.36 0.56 -7.45
C ALA A 69 13.81 -0.91 -7.50
N THR A 70 13.80 -1.61 -6.37
CA THR A 70 14.26 -3.00 -6.30
C THR A 70 13.15 -4.04 -6.48
N ALA A 71 11.91 -3.58 -6.73
CA ALA A 71 10.75 -4.48 -6.75
C ALA A 71 10.65 -5.23 -8.05
N PRO A 72 10.51 -6.56 -8.00
CA PRO A 72 9.99 -7.26 -9.18
C PRO A 72 8.66 -6.65 -9.62
N ARG A 73 8.48 -6.50 -10.92
CA ARG A 73 7.28 -5.93 -11.50
C ARG A 73 6.89 -6.78 -12.67
N LEU A 74 5.87 -7.60 -12.47
CA LEU A 74 5.29 -8.39 -13.56
C LEU A 74 4.35 -7.53 -14.38
N ASP A 75 4.18 -7.87 -15.64
CA ASP A 75 3.37 -7.12 -16.57
C ASP A 75 2.62 -8.11 -17.47
N PHE A 76 1.37 -7.81 -17.74
CA PHE A 76 0.46 -8.66 -18.52
C PHE A 76 -0.36 -7.77 -19.45
N TRP A 77 -0.07 -7.82 -20.75
CA TRP A 77 -0.79 -7.06 -21.75
C TRP A 77 -1.85 -7.93 -22.42
N LYS A 78 -3.08 -7.44 -22.47
CA LYS A 78 -4.14 -8.13 -23.18
C LYS A 78 -5.19 -7.15 -23.64
N SER A 79 -5.63 -7.30 -24.89
CA SER A 79 -6.83 -6.62 -25.36
C SER A 79 -8.07 -7.11 -24.59
N ASP A 80 -9.07 -6.25 -24.52
CA ASP A 80 -10.31 -6.53 -23.83
C ASP A 80 -10.09 -6.96 -22.38
N LEU A 81 -9.06 -6.36 -21.75
CA LEU A 81 -8.84 -6.52 -20.32
C LEU A 81 -9.73 -5.54 -19.60
N VAL A 82 -10.72 -6.07 -18.90
CA VAL A 82 -11.72 -5.28 -18.22
C VAL A 82 -12.06 -5.90 -16.87
N ARG A 83 -12.54 -5.06 -15.95
CA ARG A 83 -13.01 -5.53 -14.66
C ARG A 83 -14.30 -6.31 -14.76
N GLY A 84 -15.21 -5.86 -15.61
CA GLY A 84 -16.53 -6.45 -15.65
C GLY A 84 -17.23 -6.31 -14.33
N GLU A 85 -18.01 -7.33 -13.98
CA GLU A 85 -18.69 -7.37 -12.69
C GLU A 85 -17.85 -7.97 -11.55
N ASN A 86 -16.59 -8.24 -11.84
CA ASN A 86 -15.70 -8.79 -10.83
C ASN A 86 -15.27 -7.75 -9.82
N ASP A 87 -14.95 -8.23 -8.63
CA ASP A 87 -14.60 -7.38 -7.52
C ASP A 87 -13.14 -7.48 -7.09
N TYR A 88 -12.48 -8.56 -7.48
CA TYR A 88 -11.10 -8.85 -7.03
C TYR A 88 -10.26 -9.36 -8.16
N VAL A 89 -8.95 -9.12 -8.06
CA VAL A 89 -7.94 -9.93 -8.71
C VAL A 89 -7.36 -10.82 -7.63
N THR A 90 -7.34 -12.11 -7.90
CA THR A 90 -6.74 -13.09 -7.01
C THR A 90 -5.65 -13.89 -7.69
N PHE A 91 -4.69 -14.32 -6.91
CA PHE A 91 -3.73 -15.31 -7.32
C PHE A 91 -3.18 -16.05 -6.11
N ASP A 92 -2.69 -17.26 -6.37
CA ASP A 92 -1.88 -17.98 -5.38
C ASP A 92 -0.44 -17.51 -5.47
N PHE A 93 0.11 -17.13 -4.34
CA PHE A 93 1.49 -16.66 -4.27
C PHE A 93 2.22 -17.53 -3.29
N TYR A 94 3.35 -18.07 -3.70
CA TYR A 94 4.12 -18.95 -2.84
C TYR A 94 5.54 -18.42 -2.71
N LEU A 95 6.10 -18.59 -1.54
CA LEU A 95 7.50 -18.27 -1.30
C LEU A 95 8.19 -19.51 -0.76
N ASP A 96 9.38 -19.77 -1.30
CA ASP A 96 10.31 -20.72 -0.71
C ASP A 96 11.59 -19.95 -0.42
N PRO A 97 11.65 -19.36 0.76
CA PRO A 97 12.85 -18.58 1.09
C PRO A 97 14.07 -19.46 1.32
N VAL A 98 15.21 -18.88 1.01
CA VAL A 98 16.45 -19.31 1.61
C VAL A 98 16.80 -18.41 2.79
N ARG A 99 16.45 -17.12 2.74
CA ARG A 99 16.55 -16.20 3.89
C ARG A 99 15.23 -15.43 3.95
N ALA A 100 14.65 -15.37 5.15
CA ALA A 100 13.53 -14.47 5.42
C ALA A 100 13.36 -14.38 6.92
N THR A 101 13.98 -13.37 7.51
CA THR A 101 14.01 -13.24 8.98
C THR A 101 13.38 -11.96 9.48
N GLU A 102 13.10 -11.01 8.59
CA GLU A 102 12.60 -9.69 9.03
C GLU A 102 11.93 -8.93 7.89
N GLY A 103 11.22 -7.88 8.24
CA GLY A 103 10.53 -7.05 7.29
C GLY A 103 9.29 -7.68 6.69
N ALA A 104 8.95 -7.14 5.53
CA ALA A 104 7.70 -7.46 4.87
C ALA A 104 7.84 -7.21 3.39
N ASN A 106 5.24 -5.72 0.17
CA ASN A 106 4.00 -5.07 -0.23
C ASN A 106 3.71 -5.39 -1.68
N ILE A 107 2.57 -6.00 -1.94
CA ILE A 107 2.13 -6.32 -3.30
C ILE A 107 1.09 -5.29 -3.74
N ASN A 108 1.34 -4.61 -4.85
CA ASN A 108 0.41 -3.65 -5.43
C ASN A 108 0.03 -4.02 -6.83
N LEU A 109 -1.16 -3.59 -7.22
CA LEU A 109 -1.75 -3.91 -8.51
C LEU A 109 -2.09 -2.63 -9.23
N VAL A 110 -1.62 -2.51 -10.45
CA VAL A 110 -1.74 -1.31 -11.29
C VAL A 110 -2.28 -1.72 -12.64
N PHE A 111 -3.17 -0.91 -13.20
CA PHE A 111 -3.55 -0.98 -14.60
C PHE A 111 -3.19 0.30 -15.29
N GLN A 112 -3.13 0.27 -16.61
CA GLN A 112 -2.78 1.47 -17.37
C GLN A 112 -3.81 1.80 -18.47
N PRO A 113 -5.04 2.11 -18.10
CA PRO A 113 -6.07 2.49 -19.07
C PRO A 113 -5.71 3.81 -19.77
N PRO A 114 -5.60 3.82 -21.10
CA PRO A 114 -5.35 5.10 -21.81
C PRO A 114 -6.39 6.19 -21.51
N THR A 115 -7.60 5.81 -21.13
CA THR A 115 -8.62 6.81 -20.76
C THR A 115 -8.46 7.40 -19.35
N ASN A 116 -7.60 6.81 -18.51
CA ASN A 116 -7.27 7.41 -17.21
C ASN A 116 -5.78 7.61 -16.98
N GLY A 117 -5.12 8.32 -17.90
CA GLY A 117 -3.75 8.74 -17.67
C GLY A 117 -2.74 7.60 -17.60
N TYR A 118 -3.13 6.42 -18.10
CA TYR A 118 -2.28 5.23 -18.12
C TYR A 118 -1.83 4.80 -16.70
N TRP A 119 -2.64 5.07 -15.69
CA TRP A 119 -2.27 4.67 -14.33
C TRP A 119 -3.48 4.74 -13.44
N VAL A 120 -3.96 3.57 -13.01
CA VAL A 120 -4.87 3.44 -11.89
C VAL A 120 -4.32 2.34 -11.01
N GLN A 121 -4.58 2.42 -9.73
CA GLN A 121 -4.00 1.50 -8.78
C GLN A 121 -5.06 1.00 -7.83
N ALA A 122 -5.07 -0.30 -7.50
CA ALA A 122 -5.98 -0.78 -6.49
C ALA A 122 -5.59 -0.09 -5.18
N PRO A 123 -6.56 0.50 -4.48
CA PRO A 123 -6.20 1.28 -3.31
C PRO A 123 -5.55 0.56 -2.16
N LYS A 124 -5.87 -0.71 -1.95
CA LYS A 124 -5.36 -1.46 -0.80
C LYS A 124 -4.17 -2.34 -1.15
N THR A 125 -3.06 -2.10 -0.48
CA THR A 125 -1.88 -2.94 -0.58
C THR A 125 -2.09 -4.29 0.12
N TYR A 126 -1.59 -5.38 -0.48
CA TYR A 126 -1.56 -6.70 0.15
C TYR A 126 -0.17 -6.91 0.72
N THR A 127 -0.07 -7.13 2.02
CA THR A 127 1.21 -7.15 2.71
C THR A 127 1.48 -8.54 3.30
N ILE A 128 2.67 -9.06 3.04
CA ILE A 128 3.17 -10.28 3.64
C ILE A 128 4.22 -9.93 4.66
N ASN A 129 4.04 -10.39 5.89
CA ASN A 129 4.93 -10.03 6.99
C ASN A 129 5.87 -11.21 7.27
N PHE A 130 7.17 -11.02 7.01
CA PHE A 130 8.13 -12.14 7.18
C PHE A 130 8.34 -12.50 8.63
N ASP A 131 7.91 -11.66 9.55
CA ASP A 131 7.99 -12.00 10.96
C ASP A 131 6.88 -12.92 11.38
N GLU A 132 5.92 -13.14 10.49
CA GLU A 132 4.76 -13.98 10.78
C GLU A 132 4.78 -15.30 9.98
N LEU A 133 5.93 -15.72 9.45
CA LEU A 133 5.98 -16.99 8.68
C LEU A 133 5.54 -18.25 9.44
N GLU A 134 5.77 -18.27 10.73
CA GLU A 134 5.43 -19.43 11.56
C GLU A 134 3.90 -19.62 11.64
N GLU A 135 3.14 -18.55 11.38
CA GLU A 135 1.67 -18.57 11.37
C GLU A 135 1.05 -18.77 9.98
N ALA A 136 1.88 -18.70 8.92
CA ALA A 136 1.41 -18.83 7.55
C ALA A 136 1.16 -20.28 7.17
N ASN A 137 0.29 -20.49 6.19
CA ASN A 137 0.12 -21.82 5.64
C ASN A 137 1.36 -22.25 4.90
N GLN A 138 1.88 -23.43 5.23
CA GLN A 138 3.07 -23.95 4.60
C GLN A 138 3.13 -25.46 4.59
N VAL A 139 3.83 -26.00 3.62
CA VAL A 139 4.18 -27.41 3.60
C VAL A 139 5.63 -27.52 3.17
N ASN A 140 6.45 -28.12 4.04
CA ASN A 140 7.86 -28.37 3.75
C ASN A 140 8.61 -27.15 3.15
N GLY A 141 8.44 -26.01 3.79
CA GLY A 141 9.16 -24.81 3.43
C GLY A 141 8.56 -23.98 2.31
N LEU A 142 7.43 -24.40 1.76
CA LEU A 142 6.72 -23.61 0.76
C LEU A 142 5.53 -22.93 1.43
N TYR A 143 5.55 -21.61 1.47
CA TYR A 143 4.51 -20.82 2.12
C TYR A 143 3.49 -20.37 1.08
N HIS A 144 2.21 -20.51 1.37
CA HIS A 144 1.11 -20.22 0.43
C HIS A 144 0.25 -19.09 0.94
N TYR A 145 0.18 -18.04 0.13
CA TYR A 145 -0.70 -16.89 0.38
C TYR A 145 -1.76 -16.81 -0.71
N GLU A 146 -2.99 -16.57 -0.29
CA GLU A 146 -4.11 -16.32 -1.18
C GLU A 146 -4.23 -14.83 -1.38
N VAL A 147 -3.57 -14.30 -2.38
CA VAL A 147 -3.57 -12.88 -2.62
C VAL A 147 -4.92 -12.48 -3.22
N LYS A 148 -5.59 -11.53 -2.60
CA LYS A 148 -6.92 -11.09 -3.04
C LYS A 148 -6.94 -9.58 -2.94
N ILE A 149 -6.98 -8.91 -4.10
CA ILE A 149 -6.89 -7.44 -4.15
C ILE A 149 -8.18 -6.89 -4.75
N ASN A 150 -8.81 -5.99 -4.01
CA ASN A 150 -10.10 -5.43 -4.40
C ASN A 150 -9.92 -4.40 -5.52
N VAL A 151 -10.58 -4.67 -6.63
CA VAL A 151 -10.62 -3.74 -7.76
C VAL A 151 -11.99 -3.06 -7.95
N ARG A 152 -13.01 -3.56 -7.27
CA ARG A 152 -14.31 -2.89 -7.19
C ARG A 152 -14.13 -1.48 -6.65
N ASP A 153 -13.15 -1.30 -5.77
CA ASP A 153 -12.90 -0.01 -5.12
C ASP A 153 -12.11 0.98 -5.97
N ILE A 154 -11.77 0.64 -7.21
CA ILE A 154 -11.17 1.61 -8.11
C ILE A 154 -12.28 2.42 -8.75
N THR A 155 -12.41 3.68 -8.33
CA THR A 155 -13.48 4.53 -8.84
C THR A 155 -13.17 5.17 -10.17
N ASN A 156 -11.90 5.23 -10.57
CA ASN A 156 -11.55 5.87 -11.84
C ASN A 156 -11.51 4.92 -13.02
N ILE A 157 -12.13 3.75 -12.84
CA ILE A 157 -12.46 2.91 -13.99
C ILE A 157 -13.93 2.56 -13.88
N GLN A 158 -14.46 2.09 -14.99
CA GLN A 158 -15.80 1.53 -15.06
C GLN A 158 -15.69 0.07 -15.46
N ASP A 159 -16.81 -0.65 -15.42
CA ASP A 159 -16.76 -2.08 -15.68
C ASP A 159 -16.33 -2.43 -17.09
N ASP A 160 -16.53 -1.53 -18.03
CA ASP A 160 -16.12 -1.74 -19.42
C ASP A 160 -14.85 -0.99 -19.85
N THR A 161 -14.19 -0.32 -18.92
CA THR A 161 -12.95 0.41 -19.25
C THR A 161 -11.84 -0.54 -19.71
N LEU A 162 -11.23 -0.28 -20.86
CA LEU A 162 -10.11 -1.07 -21.34
C LEU A 162 -8.89 -0.72 -20.49
N LEU A 163 -8.33 -1.73 -19.83
CA LEU A 163 -7.25 -1.52 -18.88
C LEU A 163 -5.86 -1.65 -19.50
N ARG A 164 -5.80 -2.28 -20.69
CA ARG A 164 -4.59 -2.42 -21.52
C ARG A 164 -3.55 -3.42 -20.99
N ASN A 165 -3.07 -3.15 -19.80
CA ASN A 165 -2.13 -4.04 -19.16
C ASN A 165 -2.26 -3.97 -17.65
N ILE A 168 1.93 -6.11 -11.51
CA ILE A 168 1.94 -6.55 -10.12
C ILE A 168 3.32 -6.22 -9.61
N ILE A 169 3.38 -5.40 -8.57
CA ILE A 169 4.63 -4.90 -8.01
C ILE A 169 4.85 -5.56 -6.67
N PHE A 170 6.04 -6.13 -6.46
CA PHE A 170 6.39 -6.87 -5.24
C PHE A 170 7.46 -6.08 -4.51
N ALA A 171 7.07 -5.17 -3.64
CA ALA A 171 8.01 -4.20 -3.05
C ALA A 171 8.54 -4.62 -1.68
N ASP A 172 9.81 -4.32 -1.47
CA ASP A 172 10.51 -4.56 -0.21
C ASP A 172 10.06 -3.59 0.86
N VAL A 173 9.82 -4.09 2.06
CA VAL A 173 9.60 -3.28 3.24
C VAL A 173 10.60 -3.73 4.30
N GLU A 174 11.82 -3.20 4.18
CA GLU A 174 12.89 -3.45 5.15
C GLU A 174 13.18 -4.95 5.38
N SER A 175 13.08 -5.75 4.32
CA SER A 175 13.20 -7.21 4.48
C SER A 175 14.57 -7.70 4.04
N ASP A 176 14.87 -8.95 4.38
CA ASP A 176 16.07 -9.61 3.90
C ASP A 176 15.72 -10.80 3.03
N PHE A 177 14.53 -10.79 2.43
CA PHE A 177 14.10 -11.91 1.64
C PHE A 177 15.07 -12.26 0.51
N ALA A 178 15.38 -13.57 0.40
CA ALA A 178 16.02 -14.13 -0.77
C ALA A 178 15.48 -15.54 -0.97
N GLY A 179 15.15 -15.90 -2.19
CA GLY A 179 14.61 -17.22 -2.49
C GLY A 179 13.79 -17.22 -3.74
N ARG A 180 13.00 -18.28 -3.90
CA ARG A 180 12.18 -18.47 -5.10
C ARG A 180 10.73 -18.17 -4.75
N VAL A 181 10.05 -17.52 -5.69
CA VAL A 181 8.63 -17.23 -5.54
C VAL A 181 7.90 -17.80 -6.75
N PHE A 182 6.60 -17.98 -6.56
CA PHE A 182 5.74 -18.67 -7.53
C PHE A 182 4.37 -17.96 -7.54
N VAL A 183 3.82 -17.76 -8.73
CA VAL A 183 2.49 -17.17 -8.93
C VAL A 183 1.64 -18.13 -9.75
N ASP A 184 0.42 -18.38 -9.30
CA ASP A 184 -0.49 -19.27 -10.04
C ASP A 184 -1.93 -18.76 -9.99
N ASN A 185 -2.70 -19.13 -11.00
CA ASN A 185 -4.15 -18.92 -11.01
C ASN A 185 -4.53 -17.44 -10.93
N VAL A 186 -3.87 -16.62 -11.74
CA VAL A 186 -4.18 -15.18 -11.75
C VAL A 186 -5.51 -14.98 -12.45
N ARG A 187 -6.45 -14.33 -11.80
CA ARG A 187 -7.77 -14.09 -12.39
C ARG A 187 -8.53 -12.96 -11.73
N PHE A 188 -9.52 -12.43 -12.44
CA PHE A 188 -10.57 -11.66 -11.81
C PHE A 188 -11.61 -12.60 -11.22
N GLU A 189 -12.19 -12.24 -10.09
CA GLU A 189 -13.31 -13.00 -9.54
C GLU A 189 -14.32 -12.13 -8.81
N GLY A 190 -15.51 -12.69 -8.63
CA GLY A 190 -16.64 -11.96 -8.08
C GLY A 190 -16.62 -12.00 -6.58
N ALA A 191 -17.26 -11.06 -5.90
CA ALA A 191 -17.30 -11.08 -4.44
C ALA A 191 -18.18 -12.23 -3.98
N ILE B 6 -25.01 12.33 23.41
CA ILE B 6 -24.59 13.33 22.40
C ILE B 6 -23.54 12.73 21.45
N PRO B 7 -23.36 13.38 20.30
CA PRO B 7 -22.32 12.95 19.34
C PRO B 7 -20.92 13.12 19.93
N VAL B 8 -19.94 12.43 19.35
CA VAL B 8 -18.56 12.72 19.77
C VAL B 8 -18.26 14.20 19.43
N VAL B 9 -17.50 14.83 20.30
CA VAL B 9 -17.12 16.21 20.14
C VAL B 9 -15.60 16.28 20.08
N HIS B 10 -15.12 16.86 19.01
CA HIS B 10 -13.70 17.07 18.80
C HIS B 10 -13.26 18.36 19.43
N ASP B 11 -11.95 18.54 19.63
CA ASP B 11 -11.45 19.89 19.88
C ASP B 11 -11.82 20.79 18.69
N PRO B 12 -11.76 22.10 18.85
CA PRO B 12 -12.15 22.99 17.73
C PRO B 12 -11.37 22.74 16.47
N LYS B 13 -12.04 22.93 15.34
CA LYS B 13 -11.49 22.60 14.04
C LYS B 13 -10.46 23.60 13.56
N GLY B 14 -10.70 24.90 13.73
CA GLY B 14 -9.75 25.89 13.27
C GLY B 14 -9.67 26.05 11.76
N GLU B 15 -8.63 26.73 11.31
CA GLU B 15 -8.43 27.06 9.90
C GLU B 15 -7.35 26.15 9.30
N ALA B 16 -7.60 25.65 8.10
CA ALA B 16 -6.65 24.79 7.40
C ALA B 16 -5.37 25.53 7.09
N VAL B 17 -4.27 25.04 7.64
CA VAL B 17 -2.96 25.59 7.41
C VAL B 17 -1.94 24.46 7.30
N LEU B 18 -1.01 24.61 6.37
CA LEU B 18 0.21 23.79 6.29
C LEU B 18 1.43 24.71 6.45
N PRO B 19 2.44 24.30 7.20
CA PRO B 19 2.46 23.07 8.00
C PRO B 19 1.45 23.02 9.12
N SER B 20 0.91 21.83 9.39
CA SER B 20 -0.03 21.68 10.47
C SER B 20 0.73 21.29 11.72
N VAL B 21 0.72 22.18 12.71
CA VAL B 21 1.53 22.05 13.92
C VAL B 21 0.72 21.97 15.20
N PHE B 22 -0.56 22.32 15.17
CA PHE B 22 -1.48 22.06 16.25
C PHE B 22 -1.10 22.81 17.53
N GLU B 23 -0.55 24.01 17.37
CA GLU B 23 -0.10 24.82 18.51
C GLU B 23 -1.05 25.92 18.95
N ASP B 24 -2.19 26.06 18.27
CA ASP B 24 -3.17 27.12 18.56
C ASP B 24 -4.46 26.59 19.24
N GLY B 25 -4.41 25.37 19.76
CA GLY B 25 -5.56 24.73 20.40
C GLY B 25 -6.60 24.13 19.45
N THR B 26 -6.30 24.11 18.15
CA THR B 26 -7.25 23.61 17.16
C THR B 26 -6.61 22.51 16.32
N ARG B 27 -7.48 21.88 15.57
CA ARG B 27 -7.11 20.84 14.61
C ARG B 27 -6.60 21.43 13.29
N GLN B 28 -6.48 22.75 13.17
CA GLN B 28 -5.97 23.40 11.98
C GLN B 28 -6.54 22.82 10.68
N GLY B 29 -7.85 22.62 10.70
CA GLY B 29 -8.61 22.14 9.56
C GLY B 29 -8.76 20.64 9.40
N TRP B 30 -8.13 19.85 10.27
CA TRP B 30 -8.16 18.39 10.13
C TRP B 30 -9.44 17.82 10.72
N ASP B 31 -9.99 16.80 10.09
CA ASP B 31 -11.27 16.21 10.47
C ASP B 31 -11.29 14.76 10.00
N TRP B 32 -12.31 14.01 10.36
CA TRP B 32 -12.52 12.68 9.79
C TRP B 32 -13.11 12.81 8.40
N ALA B 33 -12.63 12.00 7.48
CA ALA B 33 -13.33 11.80 6.21
C ALA B 33 -14.69 11.18 6.51
N GLY B 34 -15.68 11.51 5.68
CA GLY B 34 -16.99 10.91 5.83
C GLY B 34 -17.00 9.40 5.83
N GLU B 35 -16.05 8.79 5.11
CA GLU B 35 -15.95 7.35 4.97
C GLU B 35 -14.95 6.70 5.93
N SER B 36 -14.50 7.46 6.92
CA SER B 36 -13.61 6.88 7.92
C SER B 36 -14.28 5.78 8.72
N GLY B 37 -13.57 4.69 8.96
CA GLY B 37 -14.05 3.60 9.81
C GLY B 37 -13.95 3.90 11.29
N VAL B 38 -13.21 4.94 11.62
CA VAL B 38 -13.05 5.40 12.99
C VAL B 38 -13.47 6.88 13.04
N LYS B 39 -14.36 7.23 13.96
CA LYS B 39 -14.81 8.60 14.11
C LYS B 39 -14.80 9.02 15.57
N THR B 40 -13.80 8.53 16.28
CA THR B 40 -13.62 8.80 17.71
C THR B 40 -13.14 10.25 17.92
N ALA B 41 -13.11 10.70 19.16
CA ALA B 41 -12.74 12.08 19.44
C ALA B 41 -11.32 12.42 18.96
N LEU B 42 -11.22 13.50 18.18
CA LEU B 42 -9.96 14.08 17.74
C LEU B 42 -9.62 15.23 18.65
N THR B 43 -8.53 15.11 19.39
CA THR B 43 -8.16 16.16 20.35
C THR B 43 -6.71 16.50 20.19
N ILE B 44 -6.27 17.60 20.78
CA ILE B 44 -4.89 18.01 20.73
C ILE B 44 -4.23 17.55 22.03
N GLU B 45 -3.22 16.71 21.90
CA GLU B 45 -2.56 16.10 23.04
C GLU B 45 -1.05 16.22 22.86
N GLU B 46 -0.31 16.20 23.95
CA GLU B 46 1.13 16.26 23.93
C GLU B 46 1.80 14.95 23.47
N ALA B 47 2.73 15.06 22.54
CA ALA B 47 3.59 13.96 22.11
C ALA B 47 5.00 14.49 21.89
N ASN B 48 5.98 13.91 22.58
CA ASN B 48 7.39 14.25 22.37
C ASN B 48 7.62 15.77 22.48
N GLY B 49 6.98 16.39 23.47
CA GLY B 49 7.19 17.79 23.80
C GLY B 49 6.50 18.83 22.92
N SER B 50 5.52 18.38 22.13
CA SER B 50 4.78 19.27 21.25
C SER B 50 3.34 18.79 21.20
N ASN B 51 2.44 19.72 20.95
CA ASN B 51 1.02 19.40 20.76
C ASN B 51 0.77 18.74 19.40
N ALA B 52 -0.07 17.71 19.40
CA ALA B 52 -0.33 16.91 18.23
C ALA B 52 -1.79 16.53 18.13
N LEU B 53 -2.23 16.28 16.91
CA LEU B 53 -3.57 15.75 16.64
C LEU B 53 -3.59 14.32 17.10
N SER B 54 -4.60 13.90 17.84
CA SER B 54 -4.58 12.58 18.48
C SER B 54 -5.94 11.96 18.58
N TRP B 55 -6.00 10.62 18.51
CA TRP B 55 -7.21 9.84 18.72
C TRP B 55 -6.83 8.45 19.21
N GLU B 56 -7.80 7.72 19.72
CA GLU B 56 -7.63 6.34 20.15
C GLU B 56 -8.53 5.44 19.36
N PHE B 57 -8.09 4.22 19.15
CA PHE B 57 -8.86 3.21 18.43
C PHE B 57 -8.19 1.87 18.56
N GLY B 58 -8.90 0.82 18.18
CA GLY B 58 -8.34 -0.48 18.02
C GLY B 58 -8.97 -1.16 16.85
N TYR B 59 -8.19 -2.01 16.20
CA TYR B 59 -8.69 -2.76 15.09
C TYR B 59 -9.37 -4.04 15.58
N PRO B 60 -10.60 -4.30 15.13
CA PRO B 60 -11.18 -5.67 15.14
C PRO B 60 -10.47 -6.50 14.02
N GLU B 61 -10.82 -7.74 13.63
CA GLU B 61 -12.08 -8.42 13.85
C GLU B 61 -11.81 -9.85 14.29
N TRP B 68 -10.18 -1.56 4.38
CA TRP B 68 -10.18 -0.16 4.81
C TRP B 68 -11.41 0.18 5.68
N ALA B 69 -12.31 -0.78 5.89
CA ALA B 69 -13.49 -0.54 6.72
C ALA B 69 -13.22 -0.14 8.20
N THR B 70 -12.17 -0.67 8.80
CA THR B 70 -11.82 -0.36 10.18
C THR B 70 -10.73 0.72 10.25
N ALA B 71 -10.39 1.29 9.11
CA ALA B 71 -9.26 2.20 8.99
C ALA B 71 -9.62 3.65 9.32
N PRO B 72 -8.95 4.25 10.29
CA PRO B 72 -9.04 5.71 10.41
C PRO B 72 -8.68 6.38 9.08
N ARG B 73 -9.44 7.42 8.71
CA ARG B 73 -9.17 8.20 7.52
C ARG B 73 -9.27 9.67 7.90
N LEU B 74 -8.13 10.34 8.01
CA LEU B 74 -8.10 11.78 8.26
C LEU B 74 -8.34 12.52 6.96
N ASP B 75 -8.84 13.74 7.04
CA ASP B 75 -9.18 14.55 5.87
C ASP B 75 -8.85 16.01 6.13
N PHE B 76 -8.30 16.68 5.12
CA PHE B 76 -7.85 18.08 5.21
C PHE B 76 -8.25 18.79 3.92
N TRP B 77 -9.19 19.73 4.01
CA TRP B 77 -9.66 20.48 2.85
C TRP B 77 -8.99 21.84 2.85
N LYS B 78 -8.43 22.23 1.71
CA LYS B 78 -7.84 23.56 1.53
C LYS B 78 -7.93 23.97 0.05
N SER B 79 -8.51 25.14 -0.21
CA SER B 79 -8.92 25.51 -1.57
C SER B 79 -7.76 25.63 -2.55
N ASP B 80 -6.62 26.08 -2.04
CA ASP B 80 -5.45 26.31 -2.88
C ASP B 80 -4.37 25.22 -2.82
N LEU B 81 -4.75 24.02 -2.44
CA LEU B 81 -3.83 22.90 -2.29
C LEU B 81 -3.38 22.42 -3.66
N VAL B 82 -2.07 22.51 -3.92
CA VAL B 82 -1.43 22.04 -5.13
C VAL B 82 -0.08 21.42 -4.75
N ARG B 83 0.43 20.53 -5.58
CA ARG B 83 1.74 19.93 -5.31
C ARG B 83 2.89 20.94 -5.43
N GLY B 84 2.82 21.83 -6.41
CA GLY B 84 3.91 22.78 -6.59
C GLY B 84 5.19 22.04 -6.87
N GLU B 85 6.31 22.54 -6.35
CA GLU B 85 7.61 21.87 -6.50
C GLU B 85 7.94 20.91 -5.36
N ASN B 86 6.93 20.49 -4.62
CA ASN B 86 7.12 19.55 -3.53
C ASN B 86 7.19 18.13 -4.02
N ASP B 87 8.00 17.32 -3.34
CA ASP B 87 8.16 15.92 -3.71
C ASP B 87 7.52 14.93 -2.70
N TYR B 88 7.31 15.38 -1.48
CA TYR B 88 6.82 14.51 -0.39
C TYR B 88 5.79 15.19 0.47
N VAL B 89 4.92 14.41 1.11
CA VAL B 89 4.19 14.82 2.31
C VAL B 89 4.83 14.04 3.44
N THR B 90 5.15 14.75 4.52
CA THR B 90 5.76 14.16 5.69
C THR B 90 4.98 14.55 6.92
N PHE B 91 5.02 13.67 7.93
CA PHE B 91 4.56 13.98 9.25
C PHE B 91 5.22 13.11 10.28
N ASP B 92 5.27 13.60 11.50
CA ASP B 92 5.64 12.77 12.65
C ASP B 92 4.44 12.00 13.16
N PHE B 93 4.62 10.71 13.36
CA PHE B 93 3.58 9.82 13.81
C PHE B 93 4.06 9.08 15.03
N TYR B 94 3.26 9.10 16.07
CA TYR B 94 3.60 8.44 17.33
C TYR B 94 2.49 7.48 17.72
N LEU B 95 2.88 6.33 18.28
CA LEU B 95 1.91 5.37 18.78
C LEU B 95 2.21 5.05 20.22
N ASP B 96 1.17 5.02 21.05
CA ASP B 96 1.25 4.51 22.41
C ASP B 96 0.25 3.36 22.51
N PRO B 97 0.69 2.16 22.21
CA PRO B 97 -0.22 1.01 22.25
C PRO B 97 -0.58 0.59 23.66
N VAL B 98 -1.78 0.10 23.80
CA VAL B 98 -2.12 -0.78 24.91
C VAL B 98 -1.82 -2.21 24.51
N ARG B 99 -2.08 -2.55 23.25
CA ARG B 99 -1.74 -3.87 22.69
C ARG B 99 -1.17 -3.65 21.31
N ALA B 100 -0.01 -4.24 21.03
CA ALA B 100 0.58 -4.23 19.69
C ALA B 100 1.66 -5.31 19.67
N THR B 101 1.32 -6.50 19.22
CA THR B 101 2.25 -7.63 19.22
C THR B 101 2.32 -8.38 17.93
N GLU B 102 1.46 -8.05 16.98
CA GLU B 102 1.51 -8.76 15.72
C GLU B 102 0.97 -7.90 14.60
N GLY B 103 1.31 -8.30 13.39
CA GLY B 103 0.85 -7.63 12.21
C GLY B 103 1.53 -6.31 11.94
N ALA B 104 0.82 -5.50 11.16
CA ALA B 104 1.37 -4.24 10.64
C ALA B 104 0.25 -3.25 10.40
N ASN B 106 -0.62 -0.10 7.41
CA ASN B 106 -0.27 0.58 6.16
C ASN B 106 -0.83 1.97 6.13
N ILE B 107 -0.01 2.94 5.82
CA ILE B 107 -0.41 4.35 5.72
C ILE B 107 -0.35 4.79 4.24
N ASN B 108 -1.47 5.32 3.77
CA ASN B 108 -1.64 5.76 2.37
C ASN B 108 -2.14 7.19 2.33
N LEU B 109 -1.79 7.87 1.25
CA LEU B 109 -2.12 9.28 1.02
C LEU B 109 -2.93 9.37 -0.25
N VAL B 110 -4.06 10.06 -0.16
CA VAL B 110 -4.99 10.26 -1.27
C VAL B 110 -5.32 11.75 -1.41
N PHE B 111 -5.40 12.23 -2.64
CA PHE B 111 -5.99 13.55 -2.93
C PHE B 111 -7.23 13.36 -3.76
N GLN B 112 -8.10 14.37 -3.79
CA GLN B 112 -9.35 14.25 -4.55
C GLN B 112 -9.54 15.39 -5.56
N PRO B 113 -8.63 15.50 -6.51
CA PRO B 113 -8.74 16.57 -7.51
C PRO B 113 -10.02 16.42 -8.36
N PRO B 114 -10.88 17.42 -8.43
CA PRO B 114 -12.06 17.29 -9.31
C PRO B 114 -11.71 16.98 -10.77
N THR B 115 -10.57 17.44 -11.28
CA THR B 115 -10.17 17.09 -12.65
C THR B 115 -9.70 15.66 -12.84
N ASN B 116 -9.48 14.92 -11.75
CA ASN B 116 -9.08 13.52 -11.82
C ASN B 116 -10.11 12.59 -11.15
N GLY B 117 -11.38 12.86 -11.37
CA GLY B 117 -12.42 11.99 -10.84
C GLY B 117 -12.47 11.89 -9.31
N TYR B 118 -11.94 12.91 -8.64
CA TYR B 118 -11.92 12.97 -7.17
C TYR B 118 -11.08 11.86 -6.53
N TRP B 119 -10.07 11.34 -7.23
CA TRP B 119 -9.18 10.35 -6.60
C TRP B 119 -7.84 10.19 -7.31
N VAL B 120 -6.78 10.53 -6.59
CA VAL B 120 -5.42 10.11 -6.98
C VAL B 120 -4.73 9.67 -5.71
N GLN B 121 -3.88 8.69 -5.80
CA GLN B 121 -3.20 8.12 -4.65
C GLN B 121 -1.70 8.15 -4.83
N ALA B 122 -0.98 8.52 -3.80
CA ALA B 122 0.46 8.35 -3.82
C ALA B 122 0.73 6.85 -4.02
N PRO B 123 1.56 6.49 -4.98
CA PRO B 123 1.70 5.06 -5.33
C PRO B 123 2.26 4.17 -4.24
N LYS B 124 3.18 4.66 -3.43
CA LYS B 124 3.85 3.84 -2.44
C LYS B 124 3.22 3.96 -1.03
N THR B 125 3.15 2.82 -0.37
CA THR B 125 2.59 2.68 0.97
C THR B 125 3.67 2.80 1.99
N TYR B 126 3.41 3.48 3.09
CA TYR B 126 4.33 3.51 4.22
C TYR B 126 3.85 2.46 5.24
N THR B 127 4.69 1.49 5.57
CA THR B 127 4.30 0.36 6.41
C THR B 127 5.02 0.38 7.75
N ILE B 128 4.27 0.22 8.84
CA ILE B 128 4.81 0.02 10.17
C ILE B 128 4.56 -1.44 10.59
N ASN B 129 5.62 -2.12 10.96
CA ASN B 129 5.57 -3.54 11.27
C ASN B 129 5.60 -3.71 12.80
N PHE B 130 4.51 -4.18 13.37
CA PHE B 130 4.41 -4.26 14.82
C PHE B 130 5.30 -5.33 15.41
N ASP B 131 5.78 -6.27 14.61
CA ASP B 131 6.71 -7.27 15.09
C ASP B 131 8.11 -6.71 15.24
N GLU B 132 8.31 -5.46 14.84
CA GLU B 132 9.60 -4.82 14.91
C GLU B 132 9.61 -3.55 15.73
N LEU B 133 8.71 -3.49 16.72
CA LEU B 133 8.67 -2.34 17.62
C LEU B 133 9.93 -2.13 18.47
N GLU B 134 10.63 -3.19 18.87
CA GLU B 134 11.83 -2.98 19.71
C GLU B 134 13.02 -2.42 18.93
N GLU B 135 12.92 -2.39 17.60
CA GLU B 135 13.87 -1.70 16.72
C GLU B 135 13.49 -0.23 16.42
N ALA B 136 12.26 0.17 16.73
CA ALA B 136 11.77 1.53 16.45
C ALA B 136 12.26 2.56 17.46
N ASN B 137 12.36 3.82 17.05
CA ASN B 137 12.68 4.92 17.98
C ASN B 137 11.56 5.08 19.01
N GLN B 138 11.90 5.17 20.30
CA GLN B 138 10.90 5.08 21.36
C GLN B 138 11.34 5.70 22.69
N VAL B 139 10.36 6.22 23.44
CA VAL B 139 10.58 6.80 24.77
C VAL B 139 9.43 6.42 25.69
N ASN B 140 9.69 5.50 26.62
CA ASN B 140 8.71 5.07 27.62
C ASN B 140 7.37 4.71 26.98
N GLY B 141 7.42 3.82 26.00
CA GLY B 141 6.24 3.29 25.36
C GLY B 141 5.58 4.19 24.31
N LEU B 142 6.21 5.31 23.93
CA LEU B 142 5.80 6.12 22.79
C LEU B 142 6.75 5.90 21.60
N TYR B 143 6.25 5.25 20.56
CA TYR B 143 7.04 4.91 19.36
C TYR B 143 6.89 5.98 18.29
N HIS B 144 7.98 6.34 17.63
CA HIS B 144 8.01 7.46 16.69
C HIS B 144 8.39 6.97 15.31
N TYR B 145 7.63 7.38 14.30
CA TYR B 145 7.93 7.13 12.89
C TYR B 145 7.90 8.46 12.13
N GLU B 146 8.88 8.68 11.27
CA GLU B 146 8.89 9.83 10.38
C GLU B 146 8.26 9.37 9.07
N VAL B 147 6.96 9.58 8.91
CA VAL B 147 6.23 9.10 7.76
C VAL B 147 6.56 10.06 6.62
N LYS B 148 6.97 9.49 5.50
CA LYS B 148 7.36 10.25 4.34
C LYS B 148 6.80 9.53 3.13
N ILE B 149 5.94 10.23 2.38
CA ILE B 149 5.24 9.63 1.25
C ILE B 149 5.49 10.49 0.00
N ASN B 150 5.97 9.84 -1.04
CA ASN B 150 6.37 10.51 -2.27
C ASN B 150 5.13 10.88 -3.10
N VAL B 151 4.96 12.19 -3.36
CA VAL B 151 3.90 12.70 -4.23
C VAL B 151 4.39 13.17 -5.61
N ARG B 152 5.71 13.32 -5.75
CA ARG B 152 6.30 13.56 -7.08
C ARG B 152 6.00 12.44 -8.03
N ASP B 153 5.82 11.24 -7.47
CA ASP B 153 5.59 10.04 -8.29
C ASP B 153 4.15 9.93 -8.83
N ILE B 154 3.24 10.81 -8.42
CA ILE B 154 1.89 10.85 -8.98
C ILE B 154 1.92 11.49 -10.35
N THR B 155 1.75 10.66 -11.38
CA THR B 155 1.79 11.12 -12.77
C THR B 155 0.48 11.73 -13.26
N ASN B 156 -0.63 11.44 -12.59
CA ASN B 156 -1.91 11.86 -13.12
C ASN B 156 -2.26 13.32 -12.86
N ILE B 157 -1.45 13.98 -12.04
CA ILE B 157 -1.61 15.40 -11.73
C ILE B 157 -0.46 16.20 -12.31
N GLN B 158 -0.72 17.48 -12.47
CA GLN B 158 0.33 18.45 -12.73
C GLN B 158 0.59 19.26 -11.47
N ASP B 159 1.65 20.07 -11.48
CA ASP B 159 2.05 20.80 -10.30
C ASP B 159 1.07 21.88 -9.89
N ASP B 160 0.25 22.32 -10.85
CA ASP B 160 -0.79 23.31 -10.61
C ASP B 160 -2.19 22.73 -10.44
N THR B 161 -2.33 21.41 -10.48
CA THR B 161 -3.64 20.80 -10.36
C THR B 161 -4.22 21.05 -8.97
N LEU B 162 -5.45 21.53 -8.91
CA LEU B 162 -6.13 21.76 -7.65
C LEU B 162 -6.50 20.41 -7.02
N LEU B 163 -5.93 20.12 -5.86
CA LEU B 163 -6.08 18.82 -5.22
C LEU B 163 -7.29 18.73 -4.30
N ARG B 164 -7.80 19.88 -3.84
CA ARG B 164 -9.04 20.07 -3.07
C ARG B 164 -8.92 19.63 -1.60
N ASN B 165 -8.54 18.38 -1.39
CA ASN B 165 -8.43 17.81 -0.06
C ASN B 165 -7.47 16.63 -0.08
N ILE B 168 -5.47 10.88 4.70
CA ILE B 168 -4.47 9.93 5.17
C ILE B 168 -5.20 8.75 5.78
N ILE B 169 -4.92 7.55 5.24
CA ILE B 169 -5.59 6.28 5.61
C ILE B 169 -4.63 5.41 6.40
N PHE B 170 -5.09 4.92 7.55
CA PHE B 170 -4.30 4.09 8.45
C PHE B 170 -4.90 2.69 8.50
N ALA B 171 -4.43 1.78 7.68
CA ALA B 171 -5.12 0.49 7.47
C ALA B 171 -4.43 -0.66 8.20
N ASP B 172 -5.27 -1.54 8.77
CA ASP B 172 -4.84 -2.76 9.44
C ASP B 172 -4.23 -3.76 8.47
N VAL B 173 -3.14 -4.38 8.88
CA VAL B 173 -2.61 -5.60 8.23
C VAL B 173 -2.49 -6.72 9.26
N GLU B 174 -3.61 -7.38 9.54
CA GLU B 174 -3.64 -8.53 10.44
C GLU B 174 -2.99 -8.21 11.78
N SER B 175 -3.25 -7.01 12.30
CA SER B 175 -2.66 -6.57 13.55
C SER B 175 -3.64 -6.74 14.69
N ASP B 176 -3.09 -6.62 15.89
CA ASP B 176 -3.89 -6.52 17.10
C ASP B 176 -3.77 -5.14 17.72
N PHE B 177 -3.41 -4.12 16.94
CA PHE B 177 -3.18 -2.80 17.50
C PHE B 177 -4.41 -2.18 18.15
N ALA B 178 -4.20 -1.67 19.36
CA ALA B 178 -5.17 -0.81 20.04
C ALA B 178 -4.40 0.15 20.91
N GLY B 179 -4.78 1.42 20.89
CA GLY B 179 -4.08 2.43 21.67
C GLY B 179 -4.34 3.84 21.16
N ARG B 180 -3.49 4.75 21.55
CA ARG B 180 -3.58 6.13 21.14
C ARG B 180 -2.49 6.42 20.11
N VAL B 181 -2.82 7.24 19.11
CA VAL B 181 -1.85 7.69 18.13
C VAL B 181 -1.88 9.21 18.04
N PHE B 182 -0.83 9.77 17.45
CA PHE B 182 -0.56 11.20 17.43
C PHE B 182 0.07 11.56 16.09
N VAL B 183 -0.38 12.66 15.51
CA VAL B 183 0.11 13.18 14.22
C VAL B 183 0.59 14.62 14.43
N ASP B 184 1.78 14.95 13.98
CA ASP B 184 2.27 16.34 14.12
C ASP B 184 3.09 16.72 12.91
N ASN B 185 3.21 18.04 12.69
CA ASN B 185 4.10 18.60 11.67
C ASN B 185 3.80 18.07 10.29
N VAL B 186 2.54 18.12 9.90
CA VAL B 186 2.17 17.68 8.56
C VAL B 186 2.59 18.75 7.57
N ARG B 187 3.37 18.38 6.59
CA ARG B 187 3.88 19.35 5.61
C ARG B 187 4.27 18.74 4.31
N PHE B 188 4.30 19.56 3.27
CA PHE B 188 4.95 19.21 2.03
C PHE B 188 6.43 19.57 2.11
N GLU B 189 7.27 18.77 1.47
CA GLU B 189 8.74 18.99 1.41
C GLU B 189 9.25 18.74 0.01
N GLY B 190 10.34 19.42 -0.37
CA GLY B 190 10.99 19.23 -1.65
C GLY B 190 11.85 17.98 -1.69
#